data_4DGV
#
_entry.id   4DGV
#
_cell.length_a   44.041
_cell.length_b   75.301
_cell.length_c   60.800
_cell.angle_alpha   90.00
_cell.angle_beta   91.53
_cell.angle_gamma   90.00
#
_symmetry.space_group_name_H-M   'P 1 21 1'
#
loop_
_entity.id
_entity.type
_entity.pdbx_description
1 polymer 'HCV1 Heavy Chain'
2 polymer 'HCV1 Light Chain'
3 polymer 'E2 peptide'
4 non-polymer 'SODIUM ION'
5 non-polymer 'POTASSIUM ION'
6 water water
#
loop_
_entity_poly.entity_id
_entity_poly.type
_entity_poly.pdbx_seq_one_letter_code
_entity_poly.pdbx_strand_id
1 'polypeptide(L)'
;EVQLLESGGGVVQPGRSLRLSCTASGFTFNNYGMHWVRQTPGKGLEWLAVIWFDENNKYYADSVRGRFTISRDNSKNTLF
LQMNSLKTEDTAMYYCARDISLVRDAFIYFDFWGLGTLVTVSSASTKGPSVFPLAPSSKSTSGGTAALGCLVKDYFPEPV
TVSWNSGALTSGVHTFPAVLQSSGLYSLSSVVTVPSSSLGTQTYICNVNHKPSNTKVDKKVEPKSC
;
H
2 'polypeptide(L)'
;ELTLTQSPATLSLSPGERATLSCRASQSVSSYLAWYQQKPGQAPRLLIYDASNRATGIPARFSGSGSGTDFTLTISSLEP
EDFAVYYCQQRSNWITFGQGTRLEIKRTVAAPSVFIFPPSDEQLKSGTASVVCLLNNFYPREAKVQWKVDNALQSGNSQE
SVTEQDSKDSTYSLSNTLTLSKADYEKHKVYACEVTHQGLSSPVTKSFNRGEC
;
L
3 'polypeptide(L)' RQLINTNGSWHIN A
#
loop_
_chem_comp.id
_chem_comp.type
_chem_comp.name
_chem_comp.formula
K non-polymer 'POTASSIUM ION' 'K 1'
NA non-polymer 'SODIUM ION' 'Na 1'
#
# COMPACT_ATOMS: atom_id res chain seq x y z
N GLU A 1 -8.92 4.12 28.12
CA GLU A 1 -8.07 4.52 27.01
C GLU A 1 -8.91 5.08 25.87
N VAL A 2 -8.36 6.01 25.11
CA VAL A 2 -9.05 6.57 23.95
C VAL A 2 -9.22 5.50 22.88
N GLN A 3 -10.42 5.42 22.32
CA GLN A 3 -10.77 4.41 21.31
C GLN A 3 -11.66 5.01 20.24
N LEU A 4 -11.37 4.68 18.98
CA LEU A 4 -12.26 4.97 17.87
C LEU A 4 -12.51 3.68 17.09
N LEU A 5 -13.76 3.21 17.12
CA LEU A 5 -14.12 1.94 16.50
C LEU A 5 -14.86 2.13 15.18
N GLU A 6 -14.29 1.67 14.08
CA GLU A 6 -14.93 1.87 12.78
C GLU A 6 -15.67 0.64 12.27
N SER A 7 -16.72 0.89 11.50
CA SER A 7 -17.53 -0.16 10.90
C SER A 7 -16.66 -0.98 9.96
N GLY A 8 -17.03 -2.24 9.74
CA GLY A 8 -16.23 -3.11 8.89
C GLY A 8 -16.37 -2.75 7.42
N GLY A 9 -15.32 -3.00 6.65
CA GLY A 9 -15.30 -2.69 5.23
C GLY A 9 -15.95 -3.71 4.31
N GLY A 10 -16.08 -3.34 3.03
CA GLY A 10 -16.69 -4.21 2.05
C GLY A 10 -16.94 -3.52 0.72
N VAL A 11 -17.78 -4.14 -0.11
CA VAL A 11 -17.98 -3.69 -1.48
C VAL A 11 -19.30 -2.97 -1.66
N VAL A 12 -19.30 -1.96 -2.54
CA VAL A 12 -20.54 -1.27 -2.89
C VAL A 12 -20.48 -0.89 -4.36
N GLN A 13 -21.61 -0.96 -5.04
CA GLN A 13 -21.66 -0.71 -6.47
C GLN A 13 -21.67 0.77 -6.76
N PRO A 14 -21.00 1.18 -7.84
CA PRO A 14 -21.03 2.56 -8.31
C PRO A 14 -22.45 3.09 -8.39
N GLY A 15 -22.62 4.36 -8.01
CA GLY A 15 -23.93 4.99 -8.01
C GLY A 15 -24.68 4.87 -6.70
N ARG A 16 -24.34 3.87 -5.90
CA ARG A 16 -25.08 3.61 -4.66
C ARG A 16 -24.53 4.45 -3.52
N SER A 17 -25.20 4.36 -2.37
CA SER A 17 -24.78 5.08 -1.19
C SER A 17 -24.28 4.12 -0.12
N LEU A 18 -23.46 4.62 0.79
CA LEU A 18 -22.95 3.82 1.89
C LEU A 18 -22.72 4.73 3.09
N ARG A 19 -23.14 4.31 4.27
CA ARG A 19 -22.92 5.11 5.47
C ARG A 19 -21.88 4.40 6.34
N LEU A 20 -20.78 5.08 6.64
CA LEU A 20 -19.75 4.54 7.51
C LEU A 20 -20.02 5.06 8.89
N SER A 21 -19.65 4.30 9.91
CA SER A 21 -19.77 4.82 11.28
C SER A 21 -18.47 4.63 12.04
N CYS A 22 -18.32 5.40 13.10
CA CYS A 22 -17.14 5.41 13.95
C CYS A 22 -17.67 5.70 15.34
N THR A 23 -17.45 4.80 16.30
CA THR A 23 -17.95 5.03 17.65
C THR A 23 -16.81 5.20 18.64
N ALA A 24 -16.87 6.29 19.40
CA ALA A 24 -15.83 6.68 20.34
C ALA A 24 -16.04 6.09 21.72
N SER A 25 -14.93 5.76 22.38
CA SER A 25 -14.98 5.38 23.79
C SER A 25 -13.75 5.89 24.52
N GLY A 26 -13.88 6.04 25.84
CA GLY A 26 -12.73 6.33 26.67
C GLY A 26 -12.40 7.81 26.79
N PHE A 27 -13.29 8.65 26.28
CA PHE A 27 -13.14 10.08 26.43
C PHE A 27 -14.50 10.74 26.26
N THR A 28 -14.58 12.02 26.55
CA THR A 28 -15.84 12.74 26.39
C THR A 28 -15.98 13.22 24.95
N PHE A 29 -16.65 12.39 24.14
CA PHE A 29 -16.86 12.58 22.71
C PHE A 29 -17.39 13.97 22.39
N ASN A 30 -18.36 14.43 23.19
CA ASN A 30 -19.01 15.70 22.92
C ASN A 30 -18.03 16.89 22.89
N ASN A 31 -16.88 16.72 23.53
CA ASN A 31 -15.93 17.81 23.69
C ASN A 31 -14.88 17.85 22.59
N TYR A 32 -15.06 17.03 21.56
CA TYR A 32 -14.06 16.95 20.49
C TYR A 32 -14.67 17.11 19.11
N GLY A 33 -13.96 17.82 18.24
CA GLY A 33 -14.29 17.84 16.83
C GLY A 33 -13.81 16.54 16.23
N MET A 34 -14.39 16.14 15.10
CA MET A 34 -14.06 14.87 14.48
C MET A 34 -13.94 15.04 12.98
N HIS A 35 -13.21 14.14 12.34
CA HIS A 35 -12.94 14.22 10.91
C HIS A 35 -13.06 12.86 10.23
N TRP A 36 -13.23 12.89 8.90
CA TRP A 36 -13.02 11.72 8.06
C TRP A 36 -11.92 12.12 7.08
N VAL A 37 -11.01 11.16 6.86
CA VAL A 37 -9.84 11.28 5.99
C VAL A 37 -9.72 9.95 5.25
N ARG A 38 -9.42 9.94 3.96
CA ARG A 38 -9.24 8.66 3.27
C ARG A 38 -7.82 8.51 2.70
N GLN A 39 -7.43 7.28 2.37
CA GLN A 39 -6.08 6.99 1.92
C GLN A 39 -6.05 5.96 0.81
N THR A 40 -5.28 6.26 -0.24
CA THR A 40 -5.01 5.28 -1.28
C THR A 40 -3.51 5.28 -1.53
N PRO A 41 -2.96 4.14 -1.99
CA PRO A 41 -1.52 4.14 -2.26
C PRO A 41 -1.17 5.12 -3.38
N GLY A 42 -2.08 5.29 -4.33
CA GLY A 42 -1.84 6.14 -5.48
C GLY A 42 -1.93 7.63 -5.26
N LYS A 43 -2.90 8.05 -4.45
CA LYS A 43 -3.14 9.49 -4.23
C LYS A 43 -2.86 9.96 -2.80
N GLY A 44 -2.49 9.03 -1.91
CA GLY A 44 -2.09 9.39 -0.57
C GLY A 44 -3.28 9.73 0.32
N LEU A 45 -3.04 10.58 1.32
CA LEU A 45 -4.06 10.95 2.29
C LEU A 45 -4.86 12.14 1.78
N GLU A 46 -6.19 12.08 1.93
CA GLU A 46 -7.06 13.17 1.49
C GLU A 46 -8.10 13.44 2.58
N TRP A 47 -8.05 14.65 3.14
CA TRP A 47 -9.05 15.03 4.14
C TRP A 47 -10.41 15.16 3.45
N LEU A 48 -11.48 14.76 4.13
CA LEU A 48 -12.80 14.76 3.51
C LEU A 48 -13.76 15.69 4.21
N ALA A 49 -13.79 15.64 5.54
CA ALA A 49 -14.82 16.41 6.22
C ALA A 49 -14.52 16.57 7.70
N VAL A 50 -15.02 17.67 8.27
CA VAL A 50 -14.93 17.92 9.70
C VAL A 50 -16.33 18.22 10.28
N ILE A 51 -16.56 17.76 11.49
CA ILE A 51 -17.70 18.23 12.25
C ILE A 51 -17.19 18.73 13.60
N TRP A 52 -17.67 19.88 14.03
CA TRP A 52 -17.18 20.49 15.25
C TRP A 52 -18.08 20.13 16.45
N PHE A 53 -17.96 20.90 17.53
CA PHE A 53 -18.68 20.58 18.76
C PHE A 53 -20.19 20.58 18.53
N ASP A 54 -20.70 21.61 17.88
CA ASP A 54 -22.11 21.66 17.53
C ASP A 54 -22.37 20.80 16.31
N GLU A 55 -23.40 19.95 16.40
CA GLU A 55 -23.64 18.94 15.38
C GLU A 55 -24.06 19.55 14.04
N ASN A 56 -24.40 20.83 14.01
CA ASN A 56 -24.71 21.48 12.75
C ASN A 56 -23.54 22.25 12.13
N ASN A 57 -22.36 22.15 12.75
CA ASN A 57 -21.19 22.94 12.36
C ASN A 57 -20.21 22.03 11.61
N LYS A 58 -20.27 22.06 10.27
CA LYS A 58 -19.56 21.08 9.44
C LYS A 58 -18.83 21.74 8.27
N TYR A 59 -17.71 21.16 7.85
CA TYR A 59 -17.03 21.52 6.60
C TYR A 59 -16.56 20.29 5.80
N TYR A 60 -16.34 20.46 4.49
CA TYR A 60 -16.04 19.40 3.51
C TYR A 60 -15.02 19.88 2.51
N ALA A 61 -14.21 18.95 2.03
CA ALA A 61 -13.28 19.21 0.95
C ALA A 61 -14.08 19.49 -0.31
N ASP A 62 -13.53 20.34 -1.18
CA ASP A 62 -14.20 20.67 -2.44
C ASP A 62 -14.57 19.40 -3.21
N SER A 63 -13.70 18.40 -3.15
CA SER A 63 -13.90 17.16 -3.93
C SER A 63 -15.17 16.38 -3.59
N VAL A 64 -15.66 16.48 -2.36
CA VAL A 64 -16.82 15.69 -1.93
C VAL A 64 -17.99 16.53 -1.43
N ARG A 65 -17.82 17.84 -1.38
CA ARG A 65 -18.87 18.74 -0.91
C ARG A 65 -20.14 18.52 -1.74
N GLY A 66 -21.27 18.30 -1.08
CA GLY A 66 -22.52 18.11 -1.78
C GLY A 66 -22.79 16.66 -2.20
N ARG A 67 -21.79 15.80 -2.03
CA ARG A 67 -21.93 14.37 -2.29
C ARG A 67 -21.88 13.58 -0.99
N PHE A 68 -21.05 14.01 -0.05
CA PHE A 68 -20.88 13.32 1.22
C PHE A 68 -21.51 14.19 2.32
N THR A 69 -21.99 13.57 3.39
CA THR A 69 -22.52 14.31 4.54
C THR A 69 -21.88 13.74 5.80
N ILE A 70 -21.38 14.59 6.69
CA ILE A 70 -20.82 14.09 7.94
C ILE A 70 -21.85 14.40 9.02
N SER A 71 -21.96 13.56 10.04
CA SER A 71 -22.92 13.86 11.09
C SER A 71 -22.48 13.21 12.39
N ARG A 72 -23.07 13.61 13.51
CA ARG A 72 -22.71 13.01 14.80
C ARG A 72 -23.94 12.85 15.67
N ASP A 73 -23.95 11.75 16.42
CA ASP A 73 -24.98 11.46 17.40
C ASP A 73 -24.28 11.33 18.74
N ASN A 74 -24.33 12.42 19.50
CA ASN A 74 -23.56 12.49 20.73
C ASN A 74 -24.06 11.51 21.79
N SER A 75 -25.36 11.20 21.76
CA SER A 75 -25.92 10.29 22.74
C SER A 75 -25.39 8.86 22.56
N LYS A 76 -24.97 8.55 21.34
CA LYS A 76 -24.43 7.22 21.03
C LYS A 76 -22.93 7.28 20.80
N ASN A 77 -22.35 8.46 21.02
CA ASN A 77 -20.93 8.67 20.76
C ASN A 77 -20.53 8.22 19.37
N THR A 78 -21.36 8.51 18.38
CA THR A 78 -21.07 7.99 17.04
C THR A 78 -20.94 9.09 15.99
N LEU A 79 -19.94 8.95 15.12
CA LEU A 79 -19.70 9.84 14.00
C LEU A 79 -20.06 9.05 12.73
N PHE A 80 -20.75 9.69 11.79
CA PHE A 80 -21.15 9.06 10.54
C PHE A 80 -20.56 9.80 9.35
N LEU A 81 -20.26 9.03 8.30
CA LEU A 81 -20.00 9.63 6.99
C LEU A 81 -20.96 8.98 6.00
N GLN A 82 -21.90 9.77 5.47
CA GLN A 82 -22.84 9.27 4.48
C GLN A 82 -22.30 9.60 3.11
N MET A 83 -21.99 8.57 2.32
CA MET A 83 -21.43 8.77 1.01
C MET A 83 -22.44 8.42 -0.07
N ASN A 84 -22.70 9.35 -0.97
CA ASN A 84 -23.71 9.15 -2.00
C ASN A 84 -23.07 9.19 -3.37
N SER A 85 -23.75 8.64 -4.37
CA SER A 85 -23.27 8.67 -5.76
C SER A 85 -21.82 8.23 -5.87
N LEU A 86 -21.51 7.09 -5.27
CA LEU A 86 -20.15 6.60 -5.20
C LEU A 86 -19.59 6.27 -6.58
N LYS A 87 -18.32 6.57 -6.81
CA LYS A 87 -17.64 6.21 -8.04
C LYS A 87 -16.48 5.29 -7.72
N THR A 88 -15.97 4.56 -8.71
CA THR A 88 -14.84 3.66 -8.45
C THR A 88 -13.64 4.40 -7.82
N GLU A 89 -13.49 5.67 -8.17
CA GLU A 89 -12.43 6.53 -7.64
C GLU A 89 -12.56 6.80 -6.14
N ASP A 90 -13.71 6.47 -5.56
CA ASP A 90 -13.87 6.59 -4.11
C ASP A 90 -13.34 5.38 -3.36
N THR A 91 -12.81 4.40 -4.08
CA THR A 91 -12.22 3.23 -3.43
C THR A 91 -11.01 3.71 -2.62
N ALA A 92 -11.04 3.39 -1.32
CA ALA A 92 -10.00 3.87 -0.40
C ALA A 92 -10.14 3.25 0.98
N MET A 93 -9.11 3.45 1.80
CA MET A 93 -9.24 3.20 3.24
C MET A 93 -9.81 4.46 3.90
N TYR A 94 -10.88 4.33 4.66
CA TYR A 94 -11.53 5.48 5.27
C TYR A 94 -11.26 5.50 6.78
N TYR A 95 -10.62 6.58 7.24
CA TYR A 95 -10.30 6.75 8.65
C TYR A 95 -11.20 7.79 9.27
N CYS A 96 -11.65 7.52 10.50
CA CYS A 96 -12.16 8.61 11.31
C CYS A 96 -11.01 9.09 12.20
N ALA A 97 -11.00 10.38 12.52
CA ALA A 97 -9.93 10.93 13.35
C ALA A 97 -10.48 11.99 14.27
N ARG A 98 -9.93 12.08 15.47
CA ARG A 98 -10.33 13.08 16.43
C ARG A 98 -9.49 14.32 16.19
N ASP A 99 -10.13 15.48 16.28
CA ASP A 99 -9.35 16.72 16.24
C ASP A 99 -8.71 16.97 17.59
N ILE A 100 -7.53 17.58 17.58
CA ILE A 100 -6.88 18.01 18.83
C ILE A 100 -7.80 18.92 19.67
N SER A 101 -8.71 19.64 19.02
CA SER A 101 -9.87 20.27 19.70
C SER A 101 -9.57 21.30 20.78
N LEU A 102 -8.63 22.20 20.50
CA LEU A 102 -8.32 23.36 21.36
C LEU A 102 -7.54 23.02 22.62
N VAL A 103 -7.25 21.74 22.80
CA VAL A 103 -6.37 21.32 23.86
C VAL A 103 -5.00 21.95 23.56
N ARG A 104 -4.46 22.70 24.52
CA ARG A 104 -3.22 23.45 24.32
C ARG A 104 -3.34 24.45 23.16
N ASP A 105 -4.56 24.96 22.96
CA ASP A 105 -4.84 26.05 22.00
C ASP A 105 -4.79 25.68 20.51
N ALA A 106 -4.63 24.40 20.20
CA ALA A 106 -4.45 23.98 18.81
C ALA A 106 -5.73 23.40 18.22
N PHE A 107 -5.89 23.52 16.89
CA PHE A 107 -7.05 22.94 16.23
C PHE A 107 -6.75 22.63 14.77
N ILE A 108 -7.54 21.72 14.20
CA ILE A 108 -7.36 21.22 12.84
C ILE A 108 -6.05 20.44 12.70
N TYR A 109 -5.82 19.58 13.69
CA TYR A 109 -4.79 18.55 13.63
C TYR A 109 -5.42 17.25 14.14
N PHE A 110 -4.98 16.11 13.60
CA PHE A 110 -5.65 14.84 13.89
C PHE A 110 -4.87 14.09 14.96
N ASP A 111 -5.33 14.15 16.20
CA ASP A 111 -4.54 13.63 17.33
C ASP A 111 -4.80 12.16 17.67
N PHE A 112 -5.85 11.59 17.09
CA PHE A 112 -6.10 10.16 17.29
C PHE A 112 -6.86 9.61 16.09
N TRP A 113 -6.40 8.49 15.54
CA TRP A 113 -7.00 7.91 14.36
C TRP A 113 -7.58 6.53 14.60
N GLY A 114 -8.72 6.23 13.96
CA GLY A 114 -9.23 4.88 13.96
C GLY A 114 -8.39 4.00 13.06
N LEU A 115 -8.63 2.69 13.09
CA LEU A 115 -7.87 1.76 12.27
C LEU A 115 -8.25 1.78 10.78
N GLY A 116 -9.38 2.38 10.45
CA GLY A 116 -9.80 2.46 9.06
C GLY A 116 -10.79 1.38 8.66
N THR A 117 -11.63 1.71 7.68
CA THR A 117 -12.60 0.80 7.07
C THR A 117 -12.27 0.79 5.58
N LEU A 118 -12.06 -0.37 4.99
CA LEU A 118 -11.72 -0.43 3.57
C LEU A 118 -13.00 -0.51 2.72
N VAL A 119 -13.21 0.50 1.88
CA VAL A 119 -14.37 0.55 0.98
C VAL A 119 -13.96 0.34 -0.47
N THR A 120 -14.56 -0.67 -1.08
CA THR A 120 -14.28 -1.02 -2.45
C THR A 120 -15.51 -0.67 -3.29
N VAL A 121 -15.35 0.27 -4.20
CA VAL A 121 -16.45 0.63 -5.09
C VAL A 121 -16.23 -0.02 -6.43
N SER A 122 -17.07 -1.00 -6.73
CA SER A 122 -16.86 -1.82 -7.91
C SER A 122 -18.15 -2.49 -8.37
N SER A 123 -18.30 -2.62 -9.67
CA SER A 123 -19.43 -3.32 -10.24
C SER A 123 -19.15 -4.82 -10.48
N ALA A 124 -17.93 -5.26 -10.15
CA ALA A 124 -17.55 -6.67 -10.32
C ALA A 124 -18.38 -7.62 -9.47
N SER A 125 -18.64 -8.82 -10.01
CA SER A 125 -19.31 -9.86 -9.23
C SER A 125 -18.26 -10.64 -8.46
N THR A 126 -18.65 -11.20 -7.33
CA THR A 126 -17.81 -12.16 -6.63
C THR A 126 -17.36 -13.28 -7.59
N LYS A 127 -16.05 -13.53 -7.61
CA LYS A 127 -15.46 -14.53 -8.50
C LYS A 127 -14.27 -15.21 -7.82
N GLY A 128 -14.21 -16.53 -7.87
CA GLY A 128 -13.10 -17.26 -7.27
C GLY A 128 -11.91 -17.26 -8.19
N PRO A 129 -10.69 -17.39 -7.63
CA PRO A 129 -9.51 -17.29 -8.49
C PRO A 129 -9.23 -18.55 -9.31
N SER A 130 -8.62 -18.36 -10.46
CA SER A 130 -8.02 -19.48 -11.19
C SER A 130 -6.60 -19.57 -10.71
N VAL A 131 -6.12 -20.78 -10.42
CA VAL A 131 -4.76 -20.91 -9.88
C VAL A 131 -3.91 -21.65 -10.90
N PHE A 132 -2.78 -21.06 -11.25
CA PHE A 132 -1.91 -21.61 -12.28
C PHE A 132 -0.53 -21.82 -11.71
N PRO A 133 0.14 -22.90 -12.13
CA PRO A 133 1.46 -23.15 -11.55
C PRO A 133 2.52 -22.27 -12.20
N LEU A 134 3.52 -21.91 -11.40
CA LEU A 134 4.73 -21.27 -11.87
C LEU A 134 5.83 -22.31 -11.63
N ALA A 135 6.10 -23.12 -12.65
CA ALA A 135 6.93 -24.31 -12.46
C ALA A 135 8.41 -24.02 -12.44
N PRO A 136 9.17 -24.73 -11.59
CA PRO A 136 10.60 -24.53 -11.54
C PRO A 136 11.27 -25.40 -12.59
N SER A 137 12.57 -25.19 -12.82
CA SER A 137 13.34 -26.05 -13.71
C SER A 137 14.80 -26.05 -13.29
N SER A 138 15.52 -27.12 -13.64
CA SER A 138 16.94 -27.24 -13.34
C SER A 138 17.74 -26.26 -14.19
N LYS A 139 17.12 -25.85 -15.30
CA LYS A 139 17.66 -24.81 -16.18
C LYS A 139 17.65 -23.46 -15.49
N SER A 140 16.60 -23.19 -14.70
CA SER A 140 16.40 -21.87 -14.12
C SER A 140 16.96 -21.67 -12.70
N THR A 141 17.63 -22.69 -12.16
CA THR A 141 18.17 -22.57 -10.81
C THR A 141 19.35 -21.60 -10.77
N SER A 142 19.39 -20.76 -9.74
CA SER A 142 20.45 -19.77 -9.57
C SER A 142 21.20 -20.05 -8.28
N GLY A 143 22.49 -20.37 -8.39
CA GLY A 143 23.32 -20.62 -7.22
C GLY A 143 22.78 -21.69 -6.28
N GLY A 144 22.28 -22.77 -6.84
CA GLY A 144 21.78 -23.89 -6.06
C GLY A 144 20.36 -23.71 -5.55
N THR A 145 19.73 -22.60 -5.92
CA THR A 145 18.37 -22.31 -5.48
C THR A 145 17.39 -22.26 -6.64
N ALA A 146 16.24 -22.92 -6.46
CA ALA A 146 15.17 -22.93 -7.46
C ALA A 146 14.00 -22.09 -6.95
N ALA A 147 13.24 -21.54 -7.89
CA ALA A 147 12.04 -20.80 -7.53
C ALA A 147 10.82 -21.44 -8.15
N LEU A 148 9.73 -21.54 -7.38
CA LEU A 148 8.48 -22.02 -7.93
C LEU A 148 7.38 -21.21 -7.30
N GLY A 149 6.14 -21.34 -7.80
CA GLY A 149 5.06 -20.58 -7.19
C GLY A 149 3.70 -20.86 -7.79
N CYS A 150 2.71 -20.08 -7.39
CA CYS A 150 1.38 -20.13 -7.99
CA CYS A 150 1.40 -20.13 -8.04
C CYS A 150 0.89 -18.73 -8.34
N LEU A 151 0.26 -18.61 -9.49
CA LEU A 151 -0.36 -17.37 -9.92
C LEU A 151 -1.85 -17.50 -9.62
N VAL A 152 -2.35 -16.59 -8.79
CA VAL A 152 -3.73 -16.58 -8.34
C VAL A 152 -4.46 -15.43 -9.07
N LYS A 153 -5.21 -15.81 -10.10
CA LYS A 153 -5.62 -14.84 -11.09
C LYS A 153 -7.13 -14.67 -11.17
N ASP A 154 -7.55 -13.43 -11.43
CA ASP A 154 -8.94 -13.11 -11.74
C ASP A 154 -9.94 -13.43 -10.62
N TYR A 155 -9.71 -12.85 -9.45
CA TYR A 155 -10.64 -13.01 -8.32
C TYR A 155 -11.24 -11.67 -7.85
N PHE A 156 -12.37 -11.73 -7.16
CA PHE A 156 -12.96 -10.53 -6.59
C PHE A 156 -13.91 -10.95 -5.50
N PRO A 157 -13.96 -10.18 -4.39
CA PRO A 157 -13.07 -9.09 -4.05
C PRO A 157 -11.82 -9.61 -3.35
N GLU A 158 -10.95 -8.70 -2.92
CA GLU A 158 -9.87 -9.06 -2.02
C GLU A 158 -10.47 -9.51 -0.69
N PRO A 159 -9.73 -10.31 0.09
CA PRO A 159 -8.38 -10.86 -0.09
C PRO A 159 -8.36 -12.35 -0.39
N VAL A 160 -7.26 -12.84 -0.94
CA VAL A 160 -6.99 -14.27 -0.96
C VAL A 160 -5.91 -14.59 0.04
N THR A 161 -5.91 -15.82 0.55
CA THR A 161 -4.80 -16.26 1.39
C THR A 161 -4.08 -17.41 0.69
N VAL A 162 -2.75 -17.40 0.78
CA VAL A 162 -1.99 -18.49 0.20
C VAL A 162 -1.06 -19.12 1.22
N SER A 163 -1.06 -20.44 1.29
CA SER A 163 -0.07 -21.13 2.10
C SER A 163 0.61 -22.19 1.24
N TRP A 164 1.70 -22.74 1.75
CA TRP A 164 2.39 -23.78 1.04
C TRP A 164 2.47 -25.02 1.93
N ASN A 165 2.14 -26.17 1.34
CA ASN A 165 2.15 -27.43 2.06
C ASN A 165 1.35 -27.36 3.36
N SER A 166 0.20 -26.68 3.29
CA SER A 166 -0.73 -26.50 4.41
C SER A 166 -0.20 -25.69 5.59
N GLY A 167 0.85 -24.90 5.36
CA GLY A 167 1.42 -24.07 6.41
C GLY A 167 2.76 -24.61 6.87
N ALA A 168 3.12 -25.78 6.38
CA ALA A 168 4.36 -26.45 6.77
C ALA A 168 5.58 -25.80 6.14
N LEU A 169 5.40 -25.12 5.02
CA LEU A 169 6.51 -24.46 4.35
C LEU A 169 6.30 -22.96 4.46
N THR A 170 7.19 -22.28 5.19
CA THR A 170 7.07 -20.85 5.41
C THR A 170 8.36 -20.13 5.01
N SER A 171 9.48 -20.82 5.21
CA SER A 171 10.78 -20.26 4.86
C SER A 171 10.89 -19.99 3.37
N GLY A 172 11.32 -18.78 3.01
CA GLY A 172 11.51 -18.44 1.61
C GLY A 172 10.23 -18.20 0.82
N VAL A 173 9.09 -18.12 1.49
CA VAL A 173 7.83 -17.79 0.81
C VAL A 173 7.62 -16.29 0.73
N HIS A 174 7.23 -15.79 -0.45
CA HIS A 174 6.84 -14.40 -0.62
C HIS A 174 5.51 -14.36 -1.33
N THR A 175 4.51 -13.81 -0.67
CA THR A 175 3.23 -13.64 -1.32
C THR A 175 3.05 -12.15 -1.61
N PHE A 176 2.95 -11.81 -2.89
CA PHE A 176 2.97 -10.41 -3.30
C PHE A 176 1.63 -9.75 -3.10
N PRO A 177 1.64 -8.41 -2.92
CA PRO A 177 0.42 -7.60 -2.90
C PRO A 177 -0.36 -7.80 -4.18
N ALA A 178 -1.68 -7.82 -4.08
CA ALA A 178 -2.53 -7.98 -5.25
C ALA A 178 -2.51 -6.72 -6.09
N VAL A 179 -2.72 -6.89 -7.40
CA VAL A 179 -2.88 -5.74 -8.28
CA VAL A 179 -2.89 -5.75 -8.29
C VAL A 179 -4.26 -5.82 -8.94
N LEU A 180 -4.91 -4.67 -9.07
CA LEU A 180 -6.20 -4.61 -9.75
C LEU A 180 -5.99 -4.51 -11.25
N GLN A 181 -6.61 -5.40 -12.00
CA GLN A 181 -6.45 -5.45 -13.45
C GLN A 181 -7.51 -4.59 -14.13
N SER A 182 -7.27 -4.23 -15.39
CA SER A 182 -8.22 -3.42 -16.15
C SER A 182 -9.62 -4.04 -16.23
N SER A 183 -9.70 -5.33 -15.94
CA SER A 183 -10.96 -6.06 -15.91
C SER A 183 -11.78 -5.81 -14.64
N GLY A 184 -11.15 -5.22 -13.62
CA GLY A 184 -11.81 -5.06 -12.34
C GLY A 184 -11.61 -6.27 -11.42
N LEU A 185 -10.81 -7.22 -11.90
CA LEU A 185 -10.47 -8.38 -11.09
C LEU A 185 -9.03 -8.26 -10.58
N TYR A 186 -8.74 -8.97 -9.48
CA TYR A 186 -7.42 -8.93 -8.89
C TYR A 186 -6.58 -10.13 -9.28
N SER A 187 -5.27 -9.94 -9.18
CA SER A 187 -4.32 -11.01 -9.46
C SER A 187 -3.11 -10.85 -8.56
N LEU A 188 -2.56 -11.97 -8.12
CA LEU A 188 -1.31 -11.94 -7.38
C LEU A 188 -0.53 -13.20 -7.60
N SER A 189 0.73 -13.19 -7.18
CA SER A 189 1.52 -14.40 -7.20
C SER A 189 2.04 -14.71 -5.82
N SER A 190 2.24 -15.99 -5.55
CA SER A 190 2.95 -16.42 -4.35
C SER A 190 4.10 -17.29 -4.78
N VAL A 191 5.31 -17.01 -4.29
CA VAL A 191 6.47 -17.78 -4.72
C VAL A 191 7.25 -18.32 -3.52
N VAL A 192 8.07 -19.33 -3.78
CA VAL A 192 8.95 -19.86 -2.75
C VAL A 192 10.24 -20.30 -3.43
N THR A 193 11.36 -20.06 -2.77
CA THR A 193 12.63 -20.57 -3.24
C THR A 193 13.04 -21.75 -2.35
N VAL A 194 13.56 -22.79 -2.99
CA VAL A 194 13.87 -24.04 -2.31
C VAL A 194 15.20 -24.55 -2.87
N PRO A 195 15.86 -25.48 -2.16
CA PRO A 195 17.11 -26.02 -2.69
C PRO A 195 16.86 -26.73 -4.01
N SER A 196 17.73 -26.52 -5.01
CA SER A 196 17.55 -27.14 -6.32
C SER A 196 17.53 -28.68 -6.24
N SER A 197 18.15 -29.24 -5.21
CA SER A 197 18.20 -30.69 -5.03
C SER A 197 16.87 -31.28 -4.56
N SER A 198 16.01 -30.46 -3.97
CA SER A 198 14.76 -30.96 -3.42
C SER A 198 13.63 -31.04 -4.45
N LEU A 199 13.90 -30.60 -5.67
CA LEU A 199 12.86 -30.52 -6.69
C LEU A 199 12.17 -31.85 -6.99
N GLY A 200 12.97 -32.87 -7.32
CA GLY A 200 12.42 -34.17 -7.61
C GLY A 200 11.82 -34.88 -6.41
N THR A 201 12.44 -34.68 -5.24
CA THR A 201 12.10 -35.47 -4.06
C THR A 201 11.22 -34.77 -3.02
N GLN A 202 10.81 -33.53 -3.28
CA GLN A 202 9.94 -32.81 -2.36
C GLN A 202 8.67 -32.36 -3.06
N THR A 203 7.52 -32.62 -2.45
CA THR A 203 6.24 -32.20 -3.00
C THR A 203 5.92 -30.76 -2.60
N TYR A 204 5.53 -29.93 -3.57
CA TYR A 204 5.15 -28.54 -3.31
C TYR A 204 3.73 -28.25 -3.73
N ILE A 205 2.89 -27.90 -2.77
CA ILE A 205 1.46 -27.68 -3.00
C ILE A 205 1.08 -26.29 -2.52
N CYS A 206 0.42 -25.53 -3.37
CA CYS A 206 -0.02 -24.22 -2.94
CA CYS A 206 -0.05 -24.19 -3.04
C CYS A 206 -1.51 -24.27 -2.61
N ASN A 207 -1.81 -23.81 -1.40
CA ASN A 207 -3.17 -23.80 -0.88
C ASN A 207 -3.75 -22.42 -0.93
N VAL A 208 -4.74 -22.22 -1.78
CA VAL A 208 -5.34 -20.92 -1.97
C VAL A 208 -6.73 -20.92 -1.38
N ASN A 209 -7.00 -19.98 -0.48
CA ASN A 209 -8.33 -19.86 0.10
CA ASN A 209 -8.32 -19.85 0.11
C ASN A 209 -8.90 -18.47 -0.16
N HIS A 210 -10.04 -18.41 -0.83
CA HIS A 210 -10.69 -17.13 -1.10
C HIS A 210 -12.01 -17.09 -0.33
N LYS A 211 -11.93 -16.71 0.94
CA LYS A 211 -13.11 -16.62 1.82
C LYS A 211 -14.27 -15.74 1.34
N PRO A 212 -13.99 -14.60 0.67
CA PRO A 212 -15.13 -13.81 0.17
C PRO A 212 -16.02 -14.58 -0.79
N SER A 213 -15.51 -15.69 -1.32
CA SER A 213 -16.27 -16.52 -2.22
C SER A 213 -16.37 -17.90 -1.60
N ASN A 214 -15.81 -18.03 -0.40
CA ASN A 214 -15.69 -19.33 0.29
C ASN A 214 -15.15 -20.42 -0.62
N THR A 215 -14.02 -20.13 -1.27
CA THR A 215 -13.42 -20.99 -2.31
C THR A 215 -12.03 -21.51 -1.89
N LYS A 216 -11.79 -22.81 -2.10
CA LYS A 216 -10.52 -23.44 -1.75
C LYS A 216 -9.89 -24.21 -2.92
N VAL A 217 -8.56 -24.14 -3.02
CA VAL A 217 -7.80 -24.89 -4.03
C VAL A 217 -6.48 -25.41 -3.46
N ASP A 218 -6.14 -26.67 -3.76
CA ASP A 218 -4.80 -27.19 -3.53
C ASP A 218 -4.20 -27.50 -4.88
N LYS A 219 -3.06 -26.89 -5.21
CA LYS A 219 -2.44 -27.05 -6.52
C LYS A 219 -1.02 -27.53 -6.41
N LYS A 220 -0.75 -28.73 -6.92
CA LYS A 220 0.59 -29.27 -6.87
C LYS A 220 1.46 -28.65 -7.98
N VAL A 221 2.62 -28.12 -7.60
CA VAL A 221 3.51 -27.50 -8.57
C VAL A 221 4.74 -28.36 -8.83
N GLU A 222 4.89 -28.81 -10.07
CA GLU A 222 5.95 -29.76 -10.42
C GLU A 222 6.94 -29.19 -11.42
N PRO A 223 8.21 -29.64 -11.34
CA PRO A 223 9.23 -29.17 -12.29
C PRO A 223 8.94 -29.53 -13.75
N LYS A 224 9.52 -28.75 -14.66
CA LYS A 224 9.42 -29.01 -16.09
C LYS A 224 10.79 -29.38 -16.64
N SER A 225 10.83 -30.21 -17.67
CA SER A 225 12.09 -30.50 -18.35
C SER A 225 12.33 -29.51 -19.48
N CYS A 226 13.21 -28.54 -19.23
CA CYS A 226 13.45 -27.44 -20.16
C CYS A 226 14.75 -27.57 -20.96
N GLU B 1 -5.02 26.32 -4.10
CA GLU B 1 -4.46 24.97 -4.16
C GLU B 1 -3.06 24.95 -3.56
N LEU B 2 -2.93 24.34 -2.39
CA LEU B 2 -1.64 24.32 -1.72
C LEU B 2 -0.99 22.94 -1.65
N THR B 3 0.20 22.83 -2.23
CA THR B 3 0.90 21.57 -2.32
C THR B 3 2.06 21.48 -1.32
N LEU B 4 2.17 20.33 -0.66
CA LEU B 4 3.30 20.03 0.22
C LEU B 4 4.16 18.95 -0.43
N THR B 5 5.47 19.18 -0.47
CA THR B 5 6.43 18.26 -1.08
C THR B 5 7.42 17.78 -0.03
N GLN B 6 7.50 16.48 0.17
CA GLN B 6 8.41 15.92 1.17
C GLN B 6 9.69 15.38 0.54
N SER B 7 10.79 15.47 1.28
CA SER B 7 12.02 14.87 0.82
C SER B 7 12.85 14.47 2.04
N PRO B 8 13.76 13.51 1.90
CA PRO B 8 13.96 12.62 0.74
C PRO B 8 12.77 11.69 0.58
N ALA B 9 12.60 11.11 -0.60
CA ALA B 9 11.50 10.16 -0.81
C ALA B 9 11.73 8.93 0.07
N THR B 10 12.99 8.52 0.19
CA THR B 10 13.34 7.35 0.98
C THR B 10 14.63 7.63 1.74
N LEU B 11 14.67 7.16 2.98
CA LEU B 11 15.82 7.31 3.85
C LEU B 11 16.21 5.93 4.36
N SER B 12 17.48 5.56 4.20
CA SER B 12 17.96 4.25 4.64
C SER B 12 18.90 4.39 5.81
N LEU B 13 18.45 3.97 6.99
CA LEU B 13 19.21 4.20 8.21
C LEU B 13 19.22 2.97 9.09
N SER B 14 19.90 3.06 10.22
CA SER B 14 20.00 1.93 11.15
C SER B 14 19.44 2.40 12.48
N PRO B 15 18.95 1.46 13.32
CA PRO B 15 18.50 1.84 14.66
C PRO B 15 19.61 2.58 15.40
N GLY B 16 19.25 3.60 16.16
CA GLY B 16 20.23 4.37 16.90
C GLY B 16 20.70 5.63 16.18
N GLU B 17 20.43 5.72 14.88
CA GLU B 17 20.87 6.90 14.14
C GLU B 17 19.81 8.01 14.17
N ARG B 18 20.14 9.12 13.54
CA ARG B 18 19.24 10.26 13.45
C ARG B 18 18.70 10.43 12.02
N ALA B 19 17.40 10.65 11.89
CA ALA B 19 16.79 10.91 10.59
C ALA B 19 16.40 12.36 10.46
N THR B 20 16.68 12.98 9.33
CA THR B 20 16.23 14.34 9.07
C THR B 20 15.32 14.40 7.85
N LEU B 21 14.09 14.87 8.06
CA LEU B 21 13.05 14.88 7.05
C LEU B 21 12.61 16.30 6.75
N SER B 22 12.25 16.56 5.50
N SER B 22 12.25 16.54 5.50
CA SER B 22 11.90 17.91 5.08
CA SER B 22 11.91 17.88 5.03
C SER B 22 10.54 17.97 4.40
C SER B 22 10.49 17.93 4.45
N CYS B 23 9.84 19.07 4.64
CA CYS B 23 8.53 19.32 4.03
C CYS B 23 8.56 20.76 3.53
N ARG B 24 8.26 20.95 2.26
CA ARG B 24 8.28 22.26 1.65
C ARG B 24 6.89 22.60 1.12
N ALA B 25 6.41 23.79 1.42
CA ALA B 25 5.10 24.21 0.92
C ALA B 25 5.21 25.14 -0.29
N SER B 26 4.20 25.10 -1.16
CA SER B 26 4.19 25.84 -2.41
C SER B 26 4.08 27.34 -2.15
N GLN B 27 3.45 27.67 -1.03
CA GLN B 27 3.40 29.04 -0.58
C GLN B 27 3.30 28.98 0.93
N SER B 28 3.45 30.11 1.60
CA SER B 28 3.59 30.07 3.06
C SER B 28 2.36 29.52 3.76
N VAL B 29 2.61 28.68 4.76
CA VAL B 29 1.57 28.16 5.63
C VAL B 29 1.80 28.62 7.06
N SER B 30 2.60 29.68 7.23
N SER B 30 2.61 29.66 7.23
CA SER B 30 2.98 30.15 8.55
CA SER B 30 2.99 30.15 8.56
C SER B 30 3.56 29.00 9.39
C SER B 30 3.57 29.01 9.39
N SER B 31 2.98 28.75 10.57
CA SER B 31 3.40 27.61 11.37
C SER B 31 2.36 26.49 11.45
N TYR B 32 1.42 26.51 10.52
CA TYR B 32 0.31 25.58 10.50
C TYR B 32 0.66 24.23 9.87
N LEU B 33 1.58 23.49 10.49
CA LEU B 33 2.14 22.29 9.91
C LEU B 33 2.24 21.21 10.99
N ALA B 34 1.84 19.99 10.63
CA ALA B 34 1.99 18.85 11.51
C ALA B 34 2.70 17.69 10.84
N TRP B 35 3.21 16.76 11.67
CA TRP B 35 3.88 15.56 11.20
C TRP B 35 3.24 14.35 11.84
N TYR B 36 3.03 13.33 11.00
CA TYR B 36 2.45 12.02 11.36
C TYR B 36 3.38 10.87 11.01
N GLN B 37 3.29 9.82 11.83
CA GLN B 37 3.96 8.57 11.58
C GLN B 37 2.92 7.52 11.23
N GLN B 38 3.16 6.73 10.20
CA GLN B 38 2.28 5.60 9.89
C GLN B 38 3.07 4.31 9.64
N LYS B 39 2.91 3.38 10.58
CA LYS B 39 3.52 2.07 10.49
C LYS B 39 2.63 1.23 9.57
N PRO B 40 3.25 0.27 8.86
CA PRO B 40 2.51 -0.55 7.89
C PRO B 40 1.27 -1.19 8.51
N GLY B 41 0.14 -1.07 7.82
CA GLY B 41 -1.11 -1.66 8.29
C GLY B 41 -1.66 -1.09 9.61
N GLN B 42 -1.27 0.13 9.94
CA GLN B 42 -1.78 0.78 11.16
C GLN B 42 -2.32 2.19 10.89
N ALA B 43 -2.93 2.78 11.91
CA ALA B 43 -3.43 4.15 11.84
C ALA B 43 -2.28 5.13 12.02
N PRO B 44 -2.35 6.29 11.34
CA PRO B 44 -1.38 7.36 11.58
C PRO B 44 -1.34 7.79 13.05
N ARG B 45 -0.19 8.31 13.43
CA ARG B 45 0.04 8.76 14.79
C ARG B 45 0.56 10.18 14.71
N LEU B 46 -0.10 11.11 15.42
CA LEU B 46 0.33 12.50 15.41
C LEU B 46 1.59 12.68 16.21
N LEU B 47 2.62 13.26 15.58
CA LEU B 47 3.89 13.52 16.26
C LEU B 47 4.02 14.97 16.67
N ILE B 48 3.89 15.87 15.70
CA ILE B 48 4.22 17.27 15.93
C ILE B 48 3.09 18.12 15.37
N TYR B 49 2.71 19.20 16.04
CA TYR B 49 1.73 20.13 15.46
C TYR B 49 2.17 21.59 15.66
N ASP B 50 1.60 22.51 14.89
CA ASP B 50 2.01 23.91 14.90
C ASP B 50 3.53 24.01 14.72
N ALA B 51 4.03 23.16 13.83
CA ALA B 51 5.44 23.08 13.38
C ALA B 51 6.44 22.54 14.40
N SER B 52 6.26 22.83 15.68
CA SER B 52 7.28 22.49 16.68
C SER B 52 6.78 21.92 17.99
N ASN B 53 5.47 21.81 18.14
CA ASN B 53 4.89 21.28 19.38
C ASN B 53 4.70 19.77 19.34
N ARG B 54 5.20 19.09 20.37
CA ARG B 54 4.97 17.66 20.49
C ARG B 54 3.57 17.33 21.02
N ALA B 55 2.93 16.37 20.36
CA ALA B 55 1.63 15.86 20.80
C ALA B 55 1.82 15.20 22.16
N THR B 56 0.73 15.09 22.91
CA THR B 56 0.81 14.50 24.24
C THR B 56 1.43 13.12 24.19
N GLY B 57 2.43 12.89 25.03
CA GLY B 57 3.06 11.59 25.11
C GLY B 57 4.14 11.31 24.08
N ILE B 58 4.34 12.25 23.15
CA ILE B 58 5.38 12.08 22.13
C ILE B 58 6.75 12.44 22.65
N PRO B 59 7.72 11.51 22.47
CA PRO B 59 9.06 11.75 22.98
C PRO B 59 9.82 12.92 22.31
N ALA B 60 10.70 13.59 23.06
CA ALA B 60 11.46 14.75 22.60
C ALA B 60 12.39 14.37 21.47
N ARG B 61 12.66 13.08 21.33
CA ARG B 61 13.49 12.63 20.22
C ARG B 61 12.83 12.92 18.86
N PHE B 62 11.52 13.17 18.86
CA PHE B 62 10.84 13.74 17.68
C PHE B 62 10.84 15.24 17.84
N SER B 63 11.50 15.94 16.93
CA SER B 63 11.64 17.38 17.06
C SER B 63 11.29 18.07 15.76
N GLY B 64 10.38 19.02 15.82
CA GLY B 64 9.95 19.73 14.62
C GLY B 64 10.38 21.18 14.64
N SER B 65 10.71 21.71 13.47
CA SER B 65 11.00 23.13 13.34
C SER B 65 10.65 23.67 11.96
N GLY B 66 10.68 24.99 11.83
CA GLY B 66 10.44 25.64 10.56
C GLY B 66 9.24 26.55 10.54
N SER B 67 9.07 27.21 9.40
CA SER B 67 7.95 28.14 9.25
C SER B 67 7.91 28.61 7.80
N GLY B 68 6.82 29.28 7.45
CA GLY B 68 6.65 29.79 6.10
C GLY B 68 6.47 28.64 5.14
N THR B 69 7.52 28.35 4.37
CA THR B 69 7.44 27.28 3.39
C THR B 69 8.48 26.20 3.66
N ASP B 70 9.20 26.28 4.77
CA ASP B 70 10.26 25.32 4.98
C ASP B 70 10.25 24.69 6.37
N PHE B 71 10.12 23.36 6.40
CA PHE B 71 9.93 22.65 7.66
C PHE B 71 10.78 21.40 7.73
N THR B 72 11.16 21.03 8.94
CA THR B 72 12.01 19.89 9.21
C THR B 72 11.53 19.09 10.41
N LEU B 73 11.52 17.77 10.30
CA LEU B 73 11.35 16.86 11.44
C LEU B 73 12.65 16.10 11.62
N THR B 74 13.21 16.10 12.82
CA THR B 74 14.34 15.21 13.07
C THR B 74 13.93 14.17 14.07
N ILE B 75 14.39 12.93 13.87
CA ILE B 75 14.09 11.83 14.75
C ILE B 75 15.40 11.31 15.27
N SER B 76 15.65 11.48 16.55
CA SER B 76 16.90 11.01 17.13
C SER B 76 16.75 9.61 17.71
N SER B 77 17.86 8.89 17.73
CA SER B 77 17.92 7.56 18.31
C SER B 77 16.82 6.68 17.74
N LEU B 78 16.85 6.47 16.42
CA LEU B 78 15.86 5.66 15.73
C LEU B 78 15.63 4.31 16.40
N GLU B 79 14.36 3.95 16.53
CA GLU B 79 14.01 2.66 17.09
C GLU B 79 13.49 1.77 15.98
N PRO B 80 13.52 0.45 16.20
CA PRO B 80 12.96 -0.51 15.25
C PRO B 80 11.57 -0.12 14.79
N GLU B 81 10.73 0.33 15.72
CA GLU B 81 9.37 0.76 15.41
C GLU B 81 9.29 1.99 14.48
N ASP B 82 10.37 2.78 14.41
CA ASP B 82 10.36 4.05 13.69
C ASP B 82 10.48 3.90 12.17
N PHE B 83 10.79 2.70 11.71
CA PHE B 83 10.92 2.48 10.28
C PHE B 83 9.54 2.31 9.69
N ALA B 84 9.11 3.37 9.01
CA ALA B 84 7.70 3.58 8.72
C ALA B 84 7.64 4.73 7.75
N VAL B 85 6.43 5.18 7.45
CA VAL B 85 6.26 6.33 6.54
C VAL B 85 5.87 7.55 7.37
N TYR B 86 6.39 8.71 7.00
CA TYR B 86 6.09 9.94 7.71
C TYR B 86 5.46 10.95 6.77
N TYR B 87 4.37 11.57 7.22
CA TYR B 87 3.62 12.52 6.37
C TYR B 87 3.59 13.88 7.03
N CYS B 88 3.71 14.94 6.24
CA CYS B 88 3.39 16.27 6.77
C CYS B 88 1.97 16.68 6.36
N GLN B 89 1.41 17.64 7.09
CA GLN B 89 0.03 18.11 6.86
C GLN B 89 -0.06 19.61 7.15
N GLN B 90 -0.67 20.40 6.27
CA GLN B 90 -0.88 21.82 6.59
C GLN B 90 -2.36 22.10 6.83
N ARG B 91 -2.65 23.09 7.67
CA ARG B 91 -4.00 23.56 7.91
C ARG B 91 -4.06 25.08 7.72
N SER B 92 -3.20 25.62 6.86
CA SER B 92 -3.25 27.06 6.57
C SER B 92 -4.39 27.38 5.62
N ASN B 93 -4.53 26.55 4.59
CA ASN B 93 -5.63 26.69 3.63
C ASN B 93 -6.26 25.31 3.39
N TRP B 94 -7.48 25.12 3.91
CA TRP B 94 -8.09 23.79 3.93
C TRP B 94 -7.13 22.83 4.61
N ILE B 95 -7.02 21.59 4.13
CA ILE B 95 -6.15 20.60 4.76
C ILE B 95 -5.56 19.73 3.67
N THR B 96 -4.25 19.72 3.53
CA THR B 96 -3.61 18.82 2.58
C THR B 96 -2.43 18.14 3.24
N PHE B 97 -1.97 17.04 2.64
CA PHE B 97 -0.87 16.22 3.15
C PHE B 97 0.24 16.13 2.12
N GLY B 98 1.46 15.97 2.59
CA GLY B 98 2.56 15.64 1.71
C GLY B 98 2.41 14.19 1.28
N GLN B 99 3.29 13.73 0.39
CA GLN B 99 3.18 12.42 -0.21
C GLN B 99 3.93 11.35 0.59
N GLY B 100 4.66 11.79 1.61
CA GLY B 100 5.30 10.88 2.54
C GLY B 100 6.79 10.69 2.33
N THR B 101 7.51 10.38 3.41
CA THR B 101 8.90 9.94 3.32
C THR B 101 8.97 8.57 3.96
N ARG B 102 9.62 7.62 3.28
N ARG B 102 9.59 7.61 3.28
CA ARG B 102 9.71 6.24 3.73
CA ARG B 102 9.67 6.26 3.79
C ARG B 102 11.03 6.01 4.44
C ARG B 102 11.01 6.01 4.44
N LEU B 103 10.99 5.50 5.66
CA LEU B 103 12.21 5.22 6.40
C LEU B 103 12.40 3.71 6.46
N GLU B 104 13.48 3.23 5.86
CA GLU B 104 13.78 1.80 5.81
C GLU B 104 15.15 1.45 6.40
N ILE B 105 15.35 0.15 6.61
CA ILE B 105 16.53 -0.35 7.25
C ILE B 105 17.65 -0.55 6.25
N LYS B 106 18.79 0.07 6.56
CA LYS B 106 19.97 -0.03 5.71
C LYS B 106 20.64 -1.39 5.91
N ARG B 107 21.11 -2.01 4.82
CA ARG B 107 21.94 -3.19 4.93
C ARG B 107 22.87 -3.21 3.73
N THR B 108 23.69 -4.25 3.62
CA THR B 108 24.60 -4.32 2.48
C THR B 108 23.85 -4.63 1.20
N VAL B 109 24.40 -4.19 0.08
CA VAL B 109 23.79 -4.46 -1.21
C VAL B 109 23.66 -5.97 -1.44
N ALA B 110 22.50 -6.38 -1.94
CA ALA B 110 22.32 -7.78 -2.35
C ALA B 110 21.61 -7.79 -3.71
N ALA B 111 22.28 -8.36 -4.71
CA ALA B 111 21.73 -8.49 -6.05
C ALA B 111 20.54 -9.45 -6.04
N PRO B 112 19.52 -9.18 -6.88
CA PRO B 112 18.38 -10.11 -6.90
C PRO B 112 18.73 -11.42 -7.58
N SER B 113 18.10 -12.51 -7.17
CA SER B 113 18.10 -13.70 -8.01
C SER B 113 16.94 -13.56 -8.98
N VAL B 114 17.17 -13.76 -10.29
CA VAL B 114 16.11 -13.53 -11.28
C VAL B 114 15.57 -14.82 -11.92
N PHE B 115 14.25 -14.97 -11.92
CA PHE B 115 13.60 -16.15 -12.47
C PHE B 115 12.49 -15.72 -13.42
N ILE B 116 12.39 -16.38 -14.58
CA ILE B 116 11.27 -16.10 -15.48
C ILE B 116 10.40 -17.34 -15.61
N PHE B 117 9.08 -17.13 -15.64
CA PHE B 117 8.09 -18.21 -15.75
C PHE B 117 7.20 -17.97 -16.97
N PRO B 118 7.28 -18.87 -17.97
CA PRO B 118 6.35 -18.83 -19.10
C PRO B 118 4.94 -19.12 -18.61
N PRO B 119 3.92 -18.74 -19.40
CA PRO B 119 2.56 -19.10 -19.01
C PRO B 119 2.38 -20.61 -19.04
N SER B 120 1.62 -21.14 -18.10
CA SER B 120 1.34 -22.57 -18.06
C SER B 120 0.47 -22.96 -19.26
N ASP B 121 0.50 -24.25 -19.62
CA ASP B 121 -0.40 -24.75 -20.64
C ASP B 121 -1.85 -24.52 -20.21
N GLU B 122 -2.12 -24.69 -18.91
CA GLU B 122 -3.49 -24.53 -18.42
C GLU B 122 -4.02 -23.12 -18.66
N GLN B 123 -3.21 -22.12 -18.31
CA GLN B 123 -3.64 -20.75 -18.52
C GLN B 123 -3.91 -20.47 -19.98
N LEU B 124 -3.01 -20.91 -20.86
CA LEU B 124 -3.15 -20.67 -22.29
C LEU B 124 -4.45 -21.28 -22.78
N LYS B 125 -4.70 -22.50 -22.30
CA LYS B 125 -5.95 -23.20 -22.53
C LYS B 125 -7.13 -22.33 -22.09
N SER B 126 -6.91 -21.48 -21.09
CA SER B 126 -7.99 -20.56 -20.68
C SER B 126 -8.12 -19.27 -21.51
N GLY B 127 -7.15 -18.99 -22.38
CA GLY B 127 -7.26 -17.87 -23.29
C GLY B 127 -6.41 -16.63 -23.02
N THR B 128 -5.65 -16.64 -21.94
CA THR B 128 -4.75 -15.54 -21.65
C THR B 128 -3.36 -16.07 -21.34
N ALA B 129 -2.38 -15.19 -21.32
CA ALA B 129 -1.00 -15.57 -21.04
C ALA B 129 -0.33 -14.56 -20.13
N SER B 130 0.12 -15.03 -18.97
CA SER B 130 0.85 -14.20 -18.02
C SER B 130 2.27 -14.73 -17.95
N VAL B 131 3.24 -13.88 -18.21
CA VAL B 131 4.64 -14.23 -18.08
C VAL B 131 5.12 -13.55 -16.82
N VAL B 132 5.69 -14.32 -15.89
CA VAL B 132 6.06 -13.73 -14.60
C VAL B 132 7.57 -13.63 -14.41
N CYS B 133 8.07 -12.46 -14.06
CA CYS B 133 9.48 -12.26 -13.77
C CYS B 133 9.60 -11.99 -12.28
N LEU B 134 10.37 -12.83 -11.60
CA LEU B 134 10.57 -12.73 -10.16
C LEU B 134 11.99 -12.25 -9.87
N LEU B 135 12.12 -11.24 -9.02
CA LEU B 135 13.41 -10.78 -8.52
C LEU B 135 13.39 -11.06 -7.03
N ASN B 136 14.25 -11.96 -6.58
CA ASN B 136 14.18 -12.41 -5.21
C ASN B 136 15.29 -11.89 -4.31
N ASN B 137 14.87 -11.47 -3.11
CA ASN B 137 15.74 -11.10 -1.99
C ASN B 137 16.86 -10.14 -2.32
N PHE B 138 16.49 -8.93 -2.71
CA PHE B 138 17.47 -7.93 -3.08
C PHE B 138 17.46 -6.70 -2.17
N TYR B 139 18.57 -5.97 -2.19
CA TYR B 139 18.65 -4.69 -1.49
C TYR B 139 19.68 -3.83 -2.23
N PRO B 140 19.41 -2.53 -2.44
CA PRO B 140 18.27 -1.71 -2.02
C PRO B 140 17.00 -1.97 -2.83
N ARG B 141 15.96 -1.23 -2.48
CA ARG B 141 14.61 -1.51 -2.97
C ARG B 141 14.44 -1.18 -4.45
N GLU B 142 15.22 -0.24 -4.96
CA GLU B 142 15.02 0.15 -6.35
CA GLU B 142 15.11 0.19 -6.35
C GLU B 142 15.59 -0.89 -7.30
N ALA B 143 14.75 -1.27 -8.26
CA ALA B 143 15.13 -2.28 -9.25
C ALA B 143 14.31 -1.98 -10.48
N LYS B 144 14.86 -2.29 -11.66
CA LYS B 144 14.10 -2.08 -12.87
C LYS B 144 13.98 -3.35 -13.71
N VAL B 145 12.77 -3.57 -14.21
CA VAL B 145 12.47 -4.72 -15.06
C VAL B 145 11.97 -4.21 -16.40
N GLN B 146 12.60 -4.65 -17.47
CA GLN B 146 12.24 -4.24 -18.81
C GLN B 146 11.87 -5.49 -19.60
N TRP B 147 10.64 -5.57 -20.09
CA TRP B 147 10.24 -6.71 -20.92
C TRP B 147 10.64 -6.45 -22.35
N LYS B 148 11.09 -7.49 -23.04
CA LYS B 148 11.40 -7.43 -24.46
C LYS B 148 10.74 -8.61 -25.12
N VAL B 149 10.00 -8.34 -26.18
CA VAL B 149 9.32 -9.39 -26.91
C VAL B 149 9.89 -9.35 -28.32
N ASP B 150 10.53 -10.44 -28.73
CA ASP B 150 11.36 -10.44 -29.93
C ASP B 150 12.31 -9.23 -29.93
N ASN B 151 13.02 -9.05 -28.82
CA ASN B 151 13.96 -7.93 -28.58
C ASN B 151 13.41 -6.50 -28.51
N ALA B 152 12.14 -6.33 -28.84
CA ALA B 152 11.51 -5.02 -28.80
C ALA B 152 11.09 -4.64 -27.39
N LEU B 153 11.58 -3.50 -26.90
CA LEU B 153 11.24 -3.02 -25.57
C LEU B 153 9.74 -2.83 -25.49
N GLN B 154 9.15 -3.19 -24.35
CA GLN B 154 7.71 -3.17 -24.13
C GLN B 154 7.28 -2.07 -23.17
N SER B 155 6.04 -1.60 -23.33
CA SER B 155 5.46 -0.64 -22.39
C SER B 155 3.96 -0.83 -22.28
N GLY B 156 3.42 -0.65 -21.08
CA GLY B 156 1.98 -0.59 -20.88
C GLY B 156 1.23 -1.90 -20.68
N ASN B 157 1.92 -3.03 -20.78
CA ASN B 157 1.27 -4.32 -20.69
C ASN B 157 1.74 -5.16 -19.49
N SER B 158 2.31 -4.48 -18.49
CA SER B 158 2.83 -5.20 -17.33
C SER B 158 2.46 -4.53 -16.00
N GLN B 159 2.37 -5.35 -14.95
CA GLN B 159 2.13 -4.79 -13.61
C GLN B 159 3.19 -5.29 -12.64
N GLU B 160 3.56 -4.46 -11.68
CA GLU B 160 4.63 -4.80 -10.77
C GLU B 160 4.12 -4.74 -9.34
N SER B 161 4.62 -5.63 -8.50
CA SER B 161 4.26 -5.66 -7.10
C SER B 161 5.51 -5.99 -6.26
N VAL B 162 5.73 -5.21 -5.20
CA VAL B 162 6.92 -5.40 -4.34
C VAL B 162 6.50 -5.73 -2.91
N THR B 163 7.20 -6.66 -2.26
CA THR B 163 6.92 -6.95 -0.87
C THR B 163 7.39 -5.81 0.05
N GLU B 164 6.90 -5.85 1.29
CA GLU B 164 7.43 -5.01 2.35
C GLU B 164 8.83 -5.50 2.68
N GLN B 165 9.67 -4.64 3.26
CA GLN B 165 11.03 -5.04 3.63
C GLN B 165 10.97 -6.24 4.57
N ASP B 166 11.76 -7.27 4.28
CA ASP B 166 11.66 -8.51 5.02
C ASP B 166 12.25 -8.35 6.42
N SER B 167 11.52 -8.81 7.43
CA SER B 167 12.00 -8.72 8.82
C SER B 167 13.33 -9.43 8.96
N LYS B 168 13.39 -10.64 8.41
CA LYS B 168 14.51 -11.54 8.66
C LYS B 168 15.83 -11.07 8.06
N ASP B 169 15.81 -10.62 6.81
CA ASP B 169 17.06 -10.27 6.14
C ASP B 169 17.11 -8.84 5.59
N SER B 170 16.02 -8.09 5.81
CA SER B 170 15.94 -6.69 5.37
C SER B 170 15.98 -6.51 3.85
N THR B 171 15.61 -7.57 3.13
CA THR B 171 15.56 -7.52 1.68
C THR B 171 14.14 -7.33 1.15
N TYR B 172 14.05 -7.15 -0.16
CA TYR B 172 12.79 -6.98 -0.87
C TYR B 172 12.67 -8.05 -1.95
N SER B 173 11.46 -8.35 -2.36
CA SER B 173 11.27 -9.19 -3.52
C SER B 173 10.22 -8.54 -4.39
N LEU B 174 10.26 -8.86 -5.67
CA LEU B 174 9.46 -8.15 -6.62
C LEU B 174 8.96 -9.11 -7.70
N SER B 175 7.71 -8.92 -8.09
CA SER B 175 7.10 -9.67 -9.16
CA SER B 175 7.12 -9.67 -9.18
C SER B 175 6.70 -8.68 -10.25
N ASN B 176 7.08 -8.96 -11.48
CA ASN B 176 6.61 -8.17 -12.60
C ASN B 176 5.94 -9.10 -13.59
N THR B 177 4.67 -8.86 -13.90
CA THR B 177 3.90 -9.76 -14.74
C THR B 177 3.49 -9.09 -16.04
N LEU B 178 3.87 -9.72 -17.15
CA LEU B 178 3.48 -9.29 -18.46
C LEU B 178 2.22 -10.04 -18.86
N THR B 179 1.15 -9.34 -19.18
CA THR B 179 -0.09 -10.02 -19.53
C THR B 179 -0.47 -9.75 -20.97
N LEU B 180 -0.73 -10.83 -21.70
CA LEU B 180 -1.08 -10.76 -23.11
C LEU B 180 -2.28 -11.66 -23.35
N SER B 181 -3.02 -11.39 -24.42
CA SER B 181 -4.04 -12.34 -24.83
C SER B 181 -3.32 -13.54 -25.41
N LYS B 182 -4.01 -14.68 -25.49
CA LYS B 182 -3.39 -15.88 -26.04
C LYS B 182 -2.89 -15.69 -27.48
N ALA B 183 -3.69 -15.06 -28.33
CA ALA B 183 -3.29 -14.90 -29.73
C ALA B 183 -2.07 -14.01 -29.87
N ASP B 184 -2.12 -12.89 -29.16
CA ASP B 184 -1.02 -11.96 -29.13
C ASP B 184 0.26 -12.65 -28.66
N TYR B 185 0.14 -13.44 -27.60
CA TYR B 185 1.28 -14.21 -27.10
C TYR B 185 1.81 -15.15 -28.17
N GLU B 186 0.90 -15.83 -28.85
CA GLU B 186 1.26 -16.82 -29.87
C GLU B 186 1.91 -16.16 -31.09
N LYS B 187 1.72 -14.85 -31.23
CA LYS B 187 2.29 -14.12 -32.37
C LYS B 187 3.78 -13.79 -32.25
N HIS B 188 4.37 -13.98 -31.07
CA HIS B 188 5.77 -13.62 -30.86
C HIS B 188 6.61 -14.79 -30.36
N LYS B 189 7.90 -14.81 -30.71
CA LYS B 189 8.75 -15.96 -30.40
C LYS B 189 9.58 -15.85 -29.12
N VAL B 190 10.34 -14.77 -28.97
CA VAL B 190 11.26 -14.64 -27.85
C VAL B 190 10.70 -13.71 -26.78
N TYR B 191 10.65 -14.21 -25.55
CA TYR B 191 10.20 -13.41 -24.42
C TYR B 191 11.35 -13.26 -23.46
N ALA B 192 11.61 -12.03 -23.03
CA ALA B 192 12.73 -11.80 -22.12
C ALA B 192 12.42 -10.73 -21.09
N CYS B 193 13.00 -10.93 -19.91
N CYS B 193 12.93 -10.93 -19.88
CA CYS B 193 12.94 -9.99 -18.82
CA CYS B 193 12.89 -9.88 -18.87
C CYS B 193 14.37 -9.53 -18.54
C CYS B 193 14.29 -9.50 -18.44
N GLU B 194 14.60 -8.23 -18.61
CA GLU B 194 15.93 -7.67 -18.37
C GLU B 194 15.92 -6.84 -17.11
N VAL B 195 16.79 -7.21 -16.18
CA VAL B 195 16.79 -6.62 -14.84
C VAL B 195 18.04 -5.78 -14.60
N THR B 196 17.85 -4.58 -14.06
CA THR B 196 18.98 -3.79 -13.59
C THR B 196 18.80 -3.45 -12.11
N HIS B 197 19.93 -3.42 -11.40
CA HIS B 197 19.93 -3.24 -9.95
C HIS B 197 21.33 -2.84 -9.54
N GLN B 198 21.44 -2.15 -8.41
CA GLN B 198 22.74 -1.70 -7.88
C GLN B 198 23.76 -2.84 -7.75
N GLY B 199 23.30 -4.01 -7.36
CA GLY B 199 24.20 -5.14 -7.13
C GLY B 199 24.64 -5.83 -8.39
N LEU B 200 24.17 -5.35 -9.54
CA LEU B 200 24.47 -5.97 -10.82
C LEU B 200 25.38 -5.06 -11.68
N SER B 201 26.56 -5.56 -12.02
CA SER B 201 27.49 -4.82 -12.87
C SER B 201 26.95 -4.52 -14.27
N SER B 202 26.12 -5.43 -14.80
CA SER B 202 25.44 -5.21 -16.07
C SER B 202 24.07 -5.88 -15.98
N PRO B 203 23.12 -5.50 -16.87
CA PRO B 203 21.77 -6.06 -16.76
C PRO B 203 21.74 -7.59 -16.85
N VAL B 204 20.82 -8.20 -16.12
CA VAL B 204 20.63 -9.66 -16.18
C VAL B 204 19.38 -9.94 -16.99
N THR B 205 19.50 -10.80 -18.00
CA THR B 205 18.36 -11.12 -18.84
C THR B 205 18.02 -12.60 -18.72
N LYS B 206 16.75 -12.91 -18.44
CA LYS B 206 16.28 -14.29 -18.45
C LYS B 206 15.23 -14.34 -19.54
N SER B 207 15.24 -15.39 -20.35
CA SER B 207 14.32 -15.46 -21.47
C SER B 207 13.92 -16.88 -21.81
N PHE B 208 12.94 -16.98 -22.71
CA PHE B 208 12.48 -18.27 -23.18
C PHE B 208 11.82 -18.08 -24.53
N ASN B 209 11.66 -19.18 -25.25
CA ASN B 209 10.89 -19.17 -26.48
C ASN B 209 9.46 -19.68 -26.27
N ARG B 210 8.53 -19.04 -26.99
CA ARG B 210 7.13 -19.46 -27.03
C ARG B 210 7.03 -20.98 -27.20
N GLY B 211 6.20 -21.61 -26.36
CA GLY B 211 5.96 -23.04 -26.46
C GLY B 211 6.99 -23.89 -25.74
N GLU B 212 8.10 -23.27 -25.33
CA GLU B 212 9.17 -23.95 -24.62
C GLU B 212 9.36 -23.36 -23.23
N CYS B 213 10.46 -23.73 -22.57
CA CYS B 213 10.79 -23.16 -21.27
C CYS B 213 12.31 -23.12 -21.07
N ARG C 1 -18.67 26.66 21.37
CA ARG C 1 -17.80 27.37 20.45
C ARG C 1 -18.24 27.12 19.02
N GLN C 2 -17.51 27.65 18.05
CA GLN C 2 -17.86 27.49 16.64
C GLN C 2 -16.60 27.51 15.79
N LEU C 3 -16.54 26.61 14.81
CA LEU C 3 -15.45 26.58 13.83
C LEU C 3 -15.88 27.30 12.58
N ILE C 4 -15.02 28.20 12.11
CA ILE C 4 -15.31 29.06 10.98
C ILE C 4 -14.30 28.73 9.91
N ASN C 5 -14.77 28.59 8.68
CA ASN C 5 -13.85 28.51 7.55
C ASN C 5 -14.19 29.65 6.61
N THR C 6 -13.17 30.47 6.30
CA THR C 6 -13.35 31.63 5.45
C THR C 6 -12.39 31.51 4.28
N ASN C 7 -12.90 31.07 3.15
CA ASN C 7 -12.10 30.86 1.95
C ASN C 7 -10.88 29.96 2.17
N GLY C 8 -11.06 28.92 2.99
CA GLY C 8 -9.99 27.97 3.27
C GLY C 8 -9.33 28.15 4.64
N SER C 9 -9.38 29.36 5.17
CA SER C 9 -8.73 29.68 6.44
CA SER C 9 -8.74 29.67 6.44
C SER C 9 -9.61 29.27 7.62
N TRP C 10 -9.00 28.66 8.63
CA TRP C 10 -9.74 28.17 9.80
C TRP C 10 -9.65 29.14 10.97
N HIS C 11 -10.78 29.37 11.64
CA HIS C 11 -10.85 30.26 12.80
C HIS C 11 -11.80 29.67 13.81
N ILE C 12 -11.66 30.06 15.06
CA ILE C 12 -12.56 29.63 16.12
C ILE C 12 -13.25 30.87 16.68
N ASN C 13 -14.52 30.76 17.03
CA ASN C 13 -15.24 31.89 17.62
C ASN C 13 -15.61 31.63 19.08
NA NA D . -11.99 -3.06 -6.99
K K E . -18.02 23.13 3.17
#